data_7EGY
#
_entry.id   7EGY
#
_cell.length_a   177.170
_cell.length_b   177.170
_cell.length_c   59.171
_cell.angle_alpha   90.000
_cell.angle_beta   90.000
_cell.angle_gamma   120.000
#
_symmetry.space_group_name_H-M   'P 63'
#
_entity_poly.entity_id   1
_entity_poly.type   'polypeptide(L)'
_entity_poly.pdbx_seq_one_letter_code
;RLACKEDYRYAISSTNEIGLLGAGGLTTTWKEYSHDLQLNDGTVKAICVAGSFKITALNVVSRRYLASLHKGALLTSVTF
ELLFDGTNPSTEEMGDDFGFGLCPFDTSPVVKGKYNTTLLNGSAFYLVCPIGWTGVIECTAVSPTTLRTEVVKTFRREKP
FPHRMDCVTTTVENEDLFYCKLGGNWTCVKGEPVVYTGGQVKQCKWCGFDFNEPDGLPHYPIGKCILANETGYRIVDSTD
CNRDGVVISAKGSHECLIGNTTVKVHASDERLGPMPCRPKEIVSSAGPVRKTSCTFNYAKTLKNKYYEPRDSYFQQYMLK
GEYQYWFDLDVTDRHSGYFAEF
;
_entity_poly.pdbx_strand_id   A,B
#
# COMPACT_ATOMS: atom_id res chain seq x y z
N THR A 87 -41.33 19.41 -8.22
CA THR A 87 -41.79 19.93 -6.95
C THR A 87 -43.32 19.81 -6.85
N ASN A 88 -43.81 19.34 -5.70
CA ASN A 88 -42.96 18.95 -4.58
C ASN A 88 -42.55 17.49 -4.69
N PRO A 89 -41.42 17.14 -4.04
CA PRO A 89 -40.89 15.76 -4.09
C PRO A 89 -40.90 15.12 -5.47
N SER A 90 -39.83 15.36 -6.24
CA SER A 90 -39.66 14.71 -7.53
C SER A 90 -39.35 13.23 -7.36
N THR A 91 -38.89 12.58 -8.43
CA THR A 91 -38.55 11.17 -8.38
C THR A 91 -37.70 10.77 -9.58
N GLU A 92 -36.39 11.00 -9.48
CA GLU A 92 -35.49 10.75 -10.60
C GLU A 92 -34.95 9.34 -10.50
N GLU A 93 -35.57 8.41 -11.25
CA GLU A 93 -35.03 7.07 -11.36
C GLU A 93 -33.70 7.11 -12.12
N MET A 94 -32.60 7.21 -11.38
CA MET A 94 -31.29 7.37 -12.00
C MET A 94 -30.99 6.21 -12.93
N GLY A 95 -30.30 6.51 -14.04
CA GLY A 95 -30.02 5.50 -15.02
C GLY A 95 -28.99 4.49 -14.55
N ASP A 96 -28.95 3.35 -15.24
CA ASP A 96 -27.95 2.32 -14.94
C ASP A 96 -26.53 2.82 -15.17
N ASP A 97 -26.36 3.96 -15.82
CA ASP A 97 -25.06 4.59 -16.02
C ASP A 97 -24.95 5.90 -15.23
N PHE A 98 -25.59 5.96 -14.06
CA PHE A 98 -25.58 7.19 -13.29
C PHE A 98 -24.23 7.41 -12.63
N GLY A 99 -23.90 8.68 -12.40
CA GLY A 99 -22.65 9.03 -11.77
C GLY A 99 -22.69 10.33 -10.99
N PHE A 100 -22.41 11.45 -11.67
CA PHE A 100 -22.26 12.74 -11.00
C PHE A 100 -23.57 13.17 -10.35
N GLY A 101 -23.44 13.92 -9.26
CA GLY A 101 -24.60 14.37 -8.51
C GLY A 101 -24.84 15.86 -8.58
N LEU A 102 -26.09 16.27 -8.32
CA LEU A 102 -26.49 17.66 -8.57
C LEU A 102 -27.72 18.02 -7.74
N CYS A 103 -27.52 18.43 -6.48
CA CYS A 103 -28.62 18.98 -5.71
C CYS A 103 -29.06 20.30 -6.33
N PRO A 104 -30.29 20.73 -6.07
CA PRO A 104 -30.76 21.98 -6.68
C PRO A 104 -30.41 23.24 -5.88
N PHE A 105 -31.41 23.81 -5.19
CA PHE A 105 -31.29 25.14 -4.60
C PHE A 105 -30.66 25.09 -3.21
N ASP A 106 -29.44 24.55 -3.16
CA ASP A 106 -28.62 24.52 -1.96
C ASP A 106 -29.30 23.75 -0.84
N THR A 107 -28.90 22.49 -0.65
CA THR A 107 -29.49 21.66 0.38
C THR A 107 -28.53 20.52 0.69
N SER A 108 -28.02 20.47 1.91
CA SER A 108 -27.07 19.43 2.30
C SER A 108 -27.69 18.05 2.13
N PRO A 109 -27.13 17.20 1.26
CA PRO A 109 -27.78 15.90 0.99
C PRO A 109 -27.85 15.02 2.22
N VAL A 110 -28.75 14.04 2.15
CA VAL A 110 -28.84 12.97 3.14
C VAL A 110 -29.01 11.66 2.38
N VAL A 111 -28.18 10.68 2.69
CA VAL A 111 -28.20 9.37 2.03
C VAL A 111 -28.78 8.35 2.99
N LYS A 112 -29.68 7.52 2.47
CA LYS A 112 -30.27 6.42 3.22
C LYS A 112 -30.22 5.16 2.35
N GLY A 113 -29.02 4.61 2.20
CA GLY A 113 -28.78 3.47 1.35
C GLY A 113 -28.35 2.24 2.13
N LYS A 114 -28.17 1.14 1.38
CA LYS A 114 -27.71 -0.13 1.93
C LYS A 114 -26.26 -0.02 2.39
N TYR A 115 -25.34 0.10 1.45
CA TYR A 115 -23.92 0.12 1.77
C TYR A 115 -23.49 1.50 2.25
N ASN A 116 -22.18 1.74 2.25
CA ASN A 116 -21.59 3.01 2.68
C ASN A 116 -20.65 3.49 1.56
N THR A 117 -21.24 3.98 0.46
CA THR A 117 -20.50 4.30 -0.77
C THR A 117 -21.03 5.61 -1.38
N THR A 118 -20.82 6.71 -0.67
CA THR A 118 -21.26 8.03 -1.14
C THR A 118 -20.17 9.05 -0.86
N LEU A 119 -19.69 9.70 -1.92
CA LEU A 119 -18.77 10.82 -1.78
C LEU A 119 -19.56 12.09 -1.51
N LEU A 120 -19.51 12.57 -0.27
CA LEU A 120 -20.21 13.78 0.12
C LEU A 120 -19.28 14.99 -0.09
N ASN A 121 -19.70 15.91 -0.95
CA ASN A 121 -18.90 17.10 -1.28
C ASN A 121 -19.85 18.30 -1.25
N GLY A 122 -20.21 18.74 -0.05
CA GLY A 122 -21.09 19.89 0.07
C GLY A 122 -22.45 19.61 -0.48
N SER A 123 -23.00 20.59 -1.20
CA SER A 123 -24.34 20.48 -1.75
C SER A 123 -24.34 19.65 -3.03
N ALA A 124 -23.36 18.75 -3.17
CA ALA A 124 -23.28 17.90 -4.36
C ALA A 124 -22.58 16.60 -3.97
N PHE A 125 -23.25 15.49 -4.19
CA PHE A 125 -22.66 14.18 -3.96
C PHE A 125 -22.15 13.58 -5.26
N TYR A 126 -21.34 12.54 -5.14
CA TYR A 126 -20.83 11.80 -6.29
C TYR A 126 -20.82 10.33 -5.92
N LEU A 127 -21.37 9.48 -6.79
CA LEU A 127 -21.54 8.06 -6.52
C LEU A 127 -20.54 7.27 -7.35
N VAL A 128 -19.57 6.66 -6.68
CA VAL A 128 -18.52 5.88 -7.32
C VAL A 128 -18.72 4.41 -6.99
N CYS A 129 -19.02 3.61 -8.01
CA CYS A 129 -19.18 2.16 -7.93
C CYS A 129 -20.21 1.75 -6.89
N PRO A 130 -21.48 1.62 -7.28
CA PRO A 130 -22.49 1.12 -6.35
C PRO A 130 -22.96 -0.29 -6.70
N ILE A 131 -22.02 -1.20 -6.98
CA ILE A 131 -22.32 -2.52 -7.51
C ILE A 131 -23.39 -3.18 -6.64
N GLY A 132 -24.58 -3.34 -7.22
CA GLY A 132 -25.71 -3.90 -6.51
C GLY A 132 -26.04 -3.14 -5.24
N TRP A 133 -26.61 -1.94 -5.38
CA TRP A 133 -26.98 -1.14 -4.23
C TRP A 133 -28.33 -0.48 -4.49
N THR A 134 -29.18 -0.48 -3.47
CA THR A 134 -30.51 0.12 -3.57
C THR A 134 -30.73 1.18 -2.50
N GLY A 135 -31.97 1.66 -2.38
CA GLY A 135 -32.29 2.68 -1.40
C GLY A 135 -32.67 4.02 -2.00
N VAL A 136 -32.53 5.09 -1.23
CA VAL A 136 -32.84 6.43 -1.70
C VAL A 136 -31.84 7.42 -1.11
N ILE A 137 -31.72 8.57 -1.76
CA ILE A 137 -30.89 9.67 -1.29
C ILE A 137 -31.58 10.97 -1.68
N GLU A 138 -31.67 11.89 -0.71
CA GLU A 138 -32.53 13.06 -0.84
C GLU A 138 -31.78 14.33 -0.49
N CYS A 139 -32.00 15.38 -1.29
CA CYS A 139 -31.47 16.71 -1.02
C CYS A 139 -32.33 17.34 0.06
N THR A 140 -31.93 17.18 1.31
CA THR A 140 -32.62 17.77 2.43
C THR A 140 -32.11 19.18 2.70
N ALA A 141 -33.03 20.09 3.00
CA ALA A 141 -32.72 21.48 3.26
C ALA A 141 -33.10 21.83 4.70
N VAL A 142 -32.40 22.83 5.24
CA VAL A 142 -32.61 23.27 6.62
C VAL A 142 -32.94 24.75 6.59
N SER A 143 -34.10 25.12 7.14
CA SER A 143 -34.52 26.51 7.27
C SER A 143 -34.66 26.83 8.75
N PRO A 144 -33.96 27.83 9.28
CA PRO A 144 -33.87 27.98 10.74
C PRO A 144 -35.11 28.58 11.40
N THR A 145 -36.10 29.01 10.63
CA THR A 145 -37.32 29.55 11.24
C THR A 145 -38.16 28.42 11.81
N THR A 146 -39.11 27.93 11.03
CA THR A 146 -39.82 26.71 11.39
C THR A 146 -38.87 25.52 11.27
N LEU A 147 -39.33 24.36 11.73
CA LEU A 147 -38.56 23.15 11.55
C LEU A 147 -39.35 22.12 10.74
N ARG A 148 -39.87 22.55 9.59
CA ARG A 148 -40.57 21.65 8.68
C ARG A 148 -39.59 21.26 7.57
N THR A 149 -38.79 20.23 7.85
CA THR A 149 -37.81 19.76 6.88
C THR A 149 -38.50 19.38 5.58
N GLU A 150 -38.00 19.92 4.47
CA GLU A 150 -38.68 19.82 3.19
C GLU A 150 -37.82 19.05 2.21
N VAL A 151 -38.35 17.93 1.72
CA VAL A 151 -37.70 17.14 0.69
C VAL A 151 -38.06 17.73 -0.67
N VAL A 152 -37.09 18.32 -1.34
CA VAL A 152 -37.31 19.00 -2.62
C VAL A 152 -36.90 18.13 -3.79
N LYS A 153 -35.72 17.54 -3.74
CA LYS A 153 -35.20 16.70 -4.82
C LYS A 153 -34.81 15.34 -4.23
N THR A 154 -35.61 14.33 -4.53
CA THR A 154 -35.32 12.95 -4.15
C THR A 154 -34.97 12.15 -5.40
N PHE A 155 -33.79 11.53 -5.39
CA PHE A 155 -33.34 10.67 -6.47
C PHE A 155 -33.29 9.23 -5.96
N ARG A 156 -33.73 8.30 -6.80
CA ARG A 156 -33.99 6.94 -6.35
C ARG A 156 -33.46 5.95 -7.37
N ARG A 157 -33.10 4.76 -6.87
CA ARG A 157 -32.79 3.60 -7.70
C ARG A 157 -33.66 2.45 -7.21
N GLU A 158 -34.25 1.70 -8.15
CA GLU A 158 -35.25 0.70 -7.81
C GLU A 158 -34.76 -0.74 -7.94
N LYS A 159 -33.76 -1.01 -8.76
CA LYS A 159 -33.17 -2.32 -8.89
C LYS A 159 -31.66 -2.22 -8.74
N PRO A 160 -30.99 -3.29 -8.32
CA PRO A 160 -29.54 -3.22 -8.12
C PRO A 160 -28.81 -2.70 -9.36
N PHE A 161 -27.66 -2.00 -9.12
CA PHE A 161 -26.76 -1.38 -10.09
C PHE A 161 -25.74 -2.38 -10.62
N PRO A 162 -25.34 -2.22 -11.88
CA PRO A 162 -24.34 -3.13 -12.46
C PRO A 162 -22.92 -2.64 -12.27
N HIS A 163 -21.96 -3.26 -12.96
CA HIS A 163 -20.57 -2.84 -12.94
C HIS A 163 -20.23 -2.12 -14.24
N ARG A 164 -19.24 -1.22 -14.15
CA ARG A 164 -18.93 -0.34 -15.28
C ARG A 164 -17.43 -0.16 -15.47
N MET A 165 -16.84 0.77 -14.70
CA MET A 165 -15.46 1.18 -14.92
C MET A 165 -14.57 0.74 -13.75
N ASP A 166 -13.79 1.67 -13.20
CA ASP A 166 -12.81 1.35 -12.18
C ASP A 166 -13.47 0.89 -10.88
N CYS A 167 -14.12 -0.27 -10.91
CA CYS A 167 -14.77 -0.85 -9.73
C CYS A 167 -13.99 -2.08 -9.32
N VAL A 168 -13.01 -1.90 -8.43
CA VAL A 168 -12.18 -2.99 -7.95
C VAL A 168 -12.98 -3.85 -6.99
N THR A 169 -13.18 -5.12 -7.33
CA THR A 169 -13.90 -6.03 -6.44
C THR A 169 -12.96 -7.12 -5.93
N THR A 170 -11.84 -6.73 -5.33
CA THR A 170 -10.84 -7.68 -4.86
C THR A 170 -9.97 -7.07 -3.78
N THR A 171 -10.44 -7.11 -2.52
CA THR A 171 -9.69 -6.56 -1.41
C THR A 171 -8.96 -7.67 -0.66
N VAL A 172 -8.39 -7.33 0.49
CA VAL A 172 -7.68 -8.27 1.35
C VAL A 172 -7.94 -7.90 2.81
N GLU A 173 -7.51 -8.77 3.70
CA GLU A 173 -7.58 -8.52 5.14
C GLU A 173 -6.28 -9.00 5.75
N ASN A 174 -5.54 -8.08 6.37
CA ASN A 174 -4.18 -8.34 6.83
C ASN A 174 -3.34 -8.87 5.68
N GLU A 175 -3.49 -10.16 5.36
CA GLU A 175 -2.82 -10.77 4.22
C GLU A 175 -3.74 -11.71 3.45
N ASP A 176 -5.06 -11.63 3.65
CA ASP A 176 -6.00 -12.61 3.13
C ASP A 176 -7.01 -11.92 2.21
N LEU A 177 -6.95 -12.26 0.92
CA LEU A 177 -7.96 -11.78 -0.02
C LEU A 177 -9.31 -12.45 0.25
N PHE A 178 -10.37 -11.76 -0.15
CA PHE A 178 -11.71 -12.31 -0.09
C PHE A 178 -12.51 -11.73 -1.26
N TYR A 179 -13.33 -12.58 -1.89
CA TYR A 179 -14.15 -12.12 -3.00
C TYR A 179 -15.13 -11.04 -2.56
N CYS A 180 -14.87 -9.80 -2.94
CA CYS A 180 -15.77 -8.69 -2.64
C CYS A 180 -17.14 -8.98 -3.23
N LYS A 181 -18.10 -9.34 -2.37
CA LYS A 181 -19.43 -9.70 -2.85
C LYS A 181 -20.07 -8.57 -3.63
N LEU A 182 -20.27 -7.43 -2.97
CA LEU A 182 -20.93 -6.28 -3.60
C LEU A 182 -20.15 -5.02 -3.26
N GLY A 183 -19.79 -4.25 -4.28
CA GLY A 183 -19.10 -3.00 -4.09
C GLY A 183 -17.71 -2.94 -4.69
N GLY A 184 -17.18 -1.74 -4.88
CA GLY A 184 -15.91 -1.56 -5.55
C GLY A 184 -14.86 -0.86 -4.70
N ASN A 185 -14.20 0.15 -5.28
CA ASN A 185 -13.12 0.85 -4.59
C ASN A 185 -13.58 1.36 -3.23
N TRP A 186 -12.72 1.17 -2.22
CA TRP A 186 -13.01 1.45 -0.81
C TRP A 186 -14.43 1.11 -0.39
N THR A 187 -15.03 0.10 -1.04
CA THR A 187 -16.39 -0.33 -0.73
C THR A 187 -16.50 -1.85 -0.90
N CYS A 188 -15.57 -2.58 -0.30
CA CYS A 188 -15.54 -4.04 -0.41
C CYS A 188 -16.19 -4.62 0.84
N VAL A 189 -17.51 -4.75 0.81
CA VAL A 189 -18.19 -5.64 1.76
C VAL A 189 -17.81 -7.05 1.36
N LYS A 190 -16.70 -7.54 1.91
CA LYS A 190 -16.13 -8.80 1.46
C LYS A 190 -17.04 -9.97 1.84
N GLY A 191 -16.59 -11.17 1.51
CA GLY A 191 -17.35 -12.36 1.81
C GLY A 191 -16.66 -13.66 1.43
N GLU A 192 -17.16 -14.32 0.39
CA GLU A 192 -16.64 -15.61 -0.03
C GLU A 192 -15.19 -15.47 -0.48
N PRO A 193 -14.48 -16.58 -0.64
CA PRO A 193 -13.05 -16.53 -0.93
C PRO A 193 -12.76 -16.59 -2.43
N VAL A 194 -11.56 -16.09 -2.77
CA VAL A 194 -11.09 -16.20 -4.15
C VAL A 194 -10.83 -17.67 -4.48
N VAL A 195 -10.70 -17.95 -5.77
CA VAL A 195 -10.54 -19.32 -6.26
C VAL A 195 -9.60 -19.31 -7.46
N TYR A 196 -8.74 -20.32 -7.53
CA TYR A 196 -7.70 -20.43 -8.54
C TYR A 196 -8.25 -21.01 -9.85
N THR A 197 -7.45 -20.89 -10.92
CA THR A 197 -7.84 -21.42 -12.22
C THR A 197 -6.68 -21.56 -13.19
N GLY A 198 -5.50 -21.05 -12.84
CA GLY A 198 -4.31 -21.21 -13.65
C GLY A 198 -3.42 -19.97 -13.58
N GLY A 199 -2.46 -19.90 -14.50
CA GLY A 199 -1.61 -18.72 -14.59
C GLY A 199 -0.13 -18.93 -14.42
N GLN A 200 0.51 -18.12 -13.56
CA GLN A 200 1.96 -18.12 -13.41
C GLN A 200 2.31 -17.63 -12.00
N VAL A 201 2.58 -18.58 -11.10
CA VAL A 201 2.71 -18.30 -9.67
C VAL A 201 4.14 -18.01 -9.27
N LYS A 202 4.34 -17.71 -7.98
CA LYS A 202 5.68 -17.58 -7.41
C LYS A 202 5.68 -17.48 -5.88
N GLN A 203 4.62 -17.95 -5.23
CA GLN A 203 4.61 -17.99 -3.77
C GLN A 203 3.40 -18.79 -3.30
N CYS A 204 3.62 -19.67 -2.32
CA CYS A 204 2.54 -20.44 -1.71
C CYS A 204 2.76 -20.51 -0.21
N LYS A 205 1.66 -20.74 0.53
CA LYS A 205 1.66 -20.68 1.97
C LYS A 205 0.91 -21.88 2.55
N TRP A 206 1.44 -22.42 3.66
CA TRP A 206 0.90 -23.62 4.27
C TRP A 206 1.56 -23.89 5.62
N CYS A 207 0.76 -24.13 6.65
CA CYS A 207 1.22 -24.42 8.02
C CYS A 207 2.38 -23.55 8.48
N GLY A 208 2.10 -22.30 8.85
CA GLY A 208 3.05 -21.47 9.57
C GLY A 208 4.31 -21.05 8.85
N PHE A 209 4.46 -21.40 7.58
CA PHE A 209 5.66 -21.08 6.84
C PHE A 209 5.33 -20.89 5.37
N ASP A 210 5.93 -19.86 4.77
CA ASP A 210 5.77 -19.55 3.35
C ASP A 210 6.63 -20.49 2.51
N PHE A 211 6.23 -20.67 1.25
CA PHE A 211 6.87 -21.64 0.39
C PHE A 211 7.11 -21.05 -1.00
N ASN A 212 8.05 -21.65 -1.72
CA ASN A 212 8.51 -21.10 -2.98
C ASN A 212 8.58 -22.12 -4.10
N GLU A 213 9.44 -23.14 -3.96
CA GLU A 213 9.76 -24.01 -5.08
C GLU A 213 8.98 -25.32 -5.00
N PRO A 214 8.85 -26.02 -6.14
CA PRO A 214 7.90 -27.14 -6.21
C PRO A 214 8.48 -28.43 -5.66
N ASP A 215 9.81 -28.59 -5.72
CA ASP A 215 10.46 -29.78 -5.24
C ASP A 215 10.21 -29.96 -3.74
N GLY A 216 9.16 -30.67 -3.38
CA GLY A 216 8.86 -30.91 -1.98
C GLY A 216 7.42 -31.21 -1.65
N LEU A 217 6.58 -30.19 -1.59
CA LEU A 217 5.19 -30.38 -1.20
C LEU A 217 4.48 -31.26 -2.22
N PRO A 218 3.58 -32.16 -1.77
CA PRO A 218 3.08 -33.23 -2.66
C PRO A 218 2.62 -32.79 -4.04
N HIS A 219 1.99 -31.64 -4.16
CA HIS A 219 1.65 -31.11 -5.48
C HIS A 219 1.78 -29.61 -5.45
N TYR A 220 2.53 -29.07 -6.41
CA TYR A 220 2.67 -27.63 -6.56
C TYR A 220 1.64 -27.14 -7.56
N PRO A 221 0.77 -26.19 -7.20
CA PRO A 221 0.65 -25.49 -5.93
C PRO A 221 -0.24 -26.20 -4.92
N ILE A 222 -0.37 -25.65 -3.71
CA ILE A 222 -1.23 -26.25 -2.69
C ILE A 222 -1.63 -25.20 -1.68
N GLY A 223 -2.66 -25.50 -0.88
CA GLY A 223 -3.12 -24.60 0.17
C GLY A 223 -3.61 -23.27 -0.36
N LYS A 224 -2.77 -22.24 -0.29
CA LYS A 224 -3.07 -20.96 -0.89
C LYS A 224 -1.80 -20.43 -1.56
N CYS A 225 -1.99 -19.67 -2.63
CA CYS A 225 -0.88 -19.09 -3.37
C CYS A 225 -1.32 -17.76 -3.95
N ILE A 226 -0.35 -17.04 -4.50
CA ILE A 226 -0.59 -15.81 -5.25
C ILE A 226 0.40 -15.76 -6.40
N LEU A 227 0.39 -14.64 -7.12
CA LEU A 227 1.25 -14.49 -8.27
C LEU A 227 2.36 -13.50 -7.89
N ALA A 228 2.96 -12.86 -8.88
CA ALA A 228 3.93 -11.80 -8.63
C ALA A 228 3.33 -10.40 -8.71
N ASN A 229 2.21 -10.25 -9.42
CA ASN A 229 1.64 -8.92 -9.63
C ASN A 229 0.79 -8.47 -8.45
N GLU A 230 -0.01 -9.36 -7.87
CA GLU A 230 -0.94 -8.98 -6.82
C GLU A 230 -0.19 -8.68 -5.52
N THR A 231 -0.96 -8.53 -4.44
CA THR A 231 -0.41 -8.32 -3.11
C THR A 231 -0.83 -9.37 -2.09
N GLY A 232 -1.86 -10.17 -2.35
CA GLY A 232 -2.30 -11.18 -1.41
C GLY A 232 -2.63 -12.48 -2.12
N TYR A 233 -2.78 -13.54 -1.33
CA TYR A 233 -2.98 -14.89 -1.84
C TYR A 233 -4.46 -15.21 -2.08
N ARG A 234 -4.68 -16.21 -2.94
CA ARG A 234 -6.03 -16.68 -3.26
C ARG A 234 -6.48 -17.75 -2.29
N ILE A 235 -6.93 -18.89 -2.84
CA ILE A 235 -7.37 -20.07 -2.11
C ILE A 235 -7.75 -21.12 -3.15
N VAL A 236 -7.25 -22.34 -3.00
CA VAL A 236 -7.49 -23.36 -4.03
C VAL A 236 -7.61 -24.75 -3.42
N ASP A 237 -6.81 -25.05 -2.41
CA ASP A 237 -6.75 -26.40 -1.85
C ASP A 237 -6.67 -26.30 -0.33
N SER A 238 -6.93 -27.42 0.33
CA SER A 238 -6.84 -27.47 1.78
C SER A 238 -6.57 -28.88 2.28
N THR A 239 -5.43 -29.45 1.91
CA THR A 239 -4.97 -30.70 2.50
C THR A 239 -4.43 -30.40 3.90
N ASP A 240 -4.98 -31.09 4.90
CA ASP A 240 -4.69 -30.76 6.28
C ASP A 240 -3.19 -30.87 6.57
N CYS A 241 -2.72 -30.05 7.51
CA CYS A 241 -1.32 -30.08 7.91
C CYS A 241 -0.97 -31.37 8.64
N ASN A 242 -1.40 -32.51 8.10
CA ASN A 242 -1.14 -33.81 8.69
C ASN A 242 -0.87 -34.78 7.55
N ARG A 243 0.40 -35.17 7.38
CA ARG A 243 0.84 -36.04 6.30
C ARG A 243 1.52 -37.25 6.92
N ASP A 244 0.75 -38.33 7.11
CA ASP A 244 1.25 -39.59 7.66
C ASP A 244 1.82 -39.40 9.06
N GLY A 245 0.98 -39.57 10.08
CA GLY A 245 1.43 -39.52 11.45
C GLY A 245 1.81 -38.13 11.92
N VAL A 246 2.70 -37.47 11.21
CA VAL A 246 3.28 -36.21 11.66
C VAL A 246 2.42 -35.06 11.17
N VAL A 247 2.13 -34.13 12.08
CA VAL A 247 1.56 -32.83 11.74
C VAL A 247 2.68 -31.80 11.80
N ILE A 248 2.55 -30.76 10.99
CA ILE A 248 3.54 -29.68 10.95
C ILE A 248 2.92 -28.42 11.51
N SER A 249 3.57 -27.84 12.52
CA SER A 249 3.13 -26.59 13.14
C SER A 249 4.29 -25.60 13.25
N ALA A 250 4.28 -24.74 14.26
CA ALA A 250 5.18 -23.59 14.28
C ALA A 250 6.26 -23.63 15.35
N LYS A 251 6.04 -24.34 16.45
CA LYS A 251 6.97 -24.33 17.59
C LYS A 251 7.83 -25.59 17.55
N GLY A 252 9.05 -25.46 17.05
CA GLY A 252 9.98 -26.57 17.06
C GLY A 252 9.39 -27.82 16.44
N SER A 253 9.83 -28.98 16.93
CA SER A 253 10.93 -29.04 17.88
C SER A 253 12.17 -29.49 17.15
N HIS A 254 12.01 -29.68 15.84
CA HIS A 254 13.06 -30.17 14.97
C HIS A 254 13.07 -29.35 13.69
N GLU A 255 14.24 -28.95 13.24
CA GLU A 255 14.39 -28.15 12.03
C GLU A 255 14.57 -29.09 10.84
N CYS A 256 13.55 -29.16 9.98
CA CYS A 256 13.63 -29.92 8.73
C CYS A 256 13.21 -29.01 7.59
N LEU A 257 13.82 -29.24 6.42
CA LEU A 257 13.69 -28.33 5.29
C LEU A 257 12.82 -28.92 4.20
N ILE A 258 12.16 -28.03 3.46
CA ILE A 258 11.53 -28.35 2.19
C ILE A 258 11.80 -27.20 1.22
N GLY A 259 12.05 -27.55 -0.04
CA GLY A 259 12.35 -26.56 -1.07
C GLY A 259 13.60 -25.77 -0.77
N ASN A 260 13.42 -24.54 -0.27
CA ASN A 260 14.52 -23.78 0.31
C ASN A 260 14.12 -23.14 1.62
N THR A 261 12.92 -23.44 2.13
CA THR A 261 12.39 -22.84 3.34
C THR A 261 13.01 -23.44 4.59
N THR A 262 12.26 -23.42 5.69
CA THR A 262 12.68 -24.03 6.94
C THR A 262 11.46 -24.25 7.84
N VAL A 263 10.82 -25.40 7.68
CA VAL A 263 9.51 -25.64 8.28
C VAL A 263 9.68 -26.37 9.60
N LYS A 264 9.02 -25.88 10.64
CA LYS A 264 9.00 -26.59 11.90
C LYS A 264 8.05 -27.79 11.81
N VAL A 265 8.17 -28.69 12.80
CA VAL A 265 7.49 -29.97 12.74
C VAL A 265 7.49 -30.63 14.11
N HIS A 266 6.39 -31.31 14.45
CA HIS A 266 6.28 -32.01 15.73
C HIS A 266 5.59 -33.35 15.52
N ALA A 267 5.85 -34.29 16.43
CA ALA A 267 5.40 -35.67 16.28
C ALA A 267 3.96 -35.83 16.79
N SER A 268 3.47 -37.07 16.76
CA SER A 268 2.10 -37.33 17.19
C SER A 268 1.80 -38.81 17.50
N ASP A 269 2.53 -39.74 16.89
CA ASP A 269 2.28 -41.16 17.18
C ASP A 269 3.58 -41.94 17.05
N GLU A 270 3.46 -43.26 17.11
CA GLU A 270 4.59 -44.18 17.23
C GLU A 270 4.79 -45.10 16.03
N ARG A 271 3.71 -45.50 15.34
CA ARG A 271 3.85 -46.46 14.26
C ARG A 271 4.78 -45.92 13.17
N LEU A 272 5.37 -46.85 12.41
CA LEU A 272 6.35 -46.48 11.40
C LEU A 272 5.75 -45.54 10.37
N GLY A 273 6.38 -44.38 10.19
CA GLY A 273 5.91 -43.40 9.24
C GLY A 273 7.04 -42.73 8.49
N PRO A 274 6.75 -42.24 7.28
CA PRO A 274 7.80 -41.59 6.48
C PRO A 274 7.90 -40.09 6.68
N MET A 275 9.07 -39.62 7.10
CA MET A 275 9.31 -38.18 7.26
C MET A 275 9.19 -37.48 5.92
N PRO A 276 8.25 -36.54 5.74
CA PRO A 276 8.13 -35.86 4.46
C PRO A 276 8.82 -34.51 4.42
N CYS A 277 10.04 -34.44 4.95
CA CYS A 277 10.83 -33.21 4.81
C CYS A 277 12.31 -33.57 4.99
N ARG A 278 13.09 -33.35 3.93
CA ARG A 278 14.53 -33.57 3.98
C ARG A 278 15.14 -32.74 5.11
N PRO A 279 16.05 -33.31 5.89
CA PRO A 279 16.52 -32.66 7.11
C PRO A 279 17.52 -31.55 6.81
N LYS A 280 17.99 -30.92 7.89
CA LYS A 280 18.68 -29.63 7.81
C LYS A 280 20.21 -29.76 7.80
N GLU A 281 20.81 -30.06 8.94
CA GLU A 281 22.26 -30.07 9.08
C GLU A 281 22.79 -31.49 9.09
N ILE A 282 23.89 -31.71 8.36
CA ILE A 282 24.60 -32.98 8.34
C ILE A 282 25.80 -32.86 9.28
N VAL A 283 26.04 -33.92 10.06
CA VAL A 283 27.17 -33.96 10.98
C VAL A 283 27.80 -35.35 10.89
N SER A 284 29.14 -35.38 10.88
CA SER A 284 29.90 -36.61 10.75
C SER A 284 30.62 -36.93 12.06
N SER A 285 31.10 -38.16 12.15
CA SER A 285 31.90 -38.61 13.30
C SER A 285 32.66 -39.88 12.95
N THR A 292 40.47 -43.43 6.38
CA THR A 292 39.16 -43.86 6.88
C THR A 292 39.29 -45.04 7.86
N SER A 293 38.32 -45.15 8.76
CA SER A 293 38.31 -46.25 9.73
C SER A 293 36.88 -46.74 9.93
N CYS A 294 35.92 -45.81 9.95
CA CYS A 294 34.50 -46.13 10.06
C CYS A 294 33.67 -44.87 9.87
N THR A 295 33.77 -44.28 8.69
CA THR A 295 33.10 -43.00 8.42
C THR A 295 31.59 -43.16 8.48
N PHE A 296 30.93 -42.17 9.07
CA PHE A 296 29.48 -42.19 9.16
C PHE A 296 28.97 -40.81 9.53
N ASN A 297 27.77 -40.50 9.02
CA ASN A 297 27.07 -39.25 9.31
C ASN A 297 25.83 -39.55 10.14
N TYR A 298 25.28 -38.49 10.75
CA TYR A 298 24.08 -38.63 11.55
C TYR A 298 23.40 -37.27 11.68
N ALA A 299 22.07 -37.30 11.72
CA ALA A 299 21.27 -36.12 12.04
C ALA A 299 20.24 -36.48 13.10
N LYS A 300 19.10 -35.80 13.13
CA LYS A 300 18.08 -36.05 14.13
C LYS A 300 16.73 -36.28 13.47
N THR A 301 16.06 -37.37 13.86
CA THR A 301 14.72 -37.65 13.40
C THR A 301 13.74 -37.69 14.57
N LEU A 302 12.89 -38.71 14.62
CA LEU A 302 11.89 -38.79 15.68
C LEU A 302 11.31 -40.20 15.74
N LYS A 303 11.44 -40.85 16.90
CA LYS A 303 10.87 -42.16 17.18
C LYS A 303 11.12 -43.16 16.05
N ASN A 304 10.16 -43.30 15.13
CA ASN A 304 10.29 -44.22 14.01
C ASN A 304 9.85 -43.53 12.71
N LYS A 305 10.56 -42.46 12.37
CA LYS A 305 10.32 -41.73 11.13
C LYS A 305 11.66 -41.45 10.48
N TYR A 306 11.75 -41.69 9.17
CA TYR A 306 13.03 -41.76 8.48
C TYR A 306 13.20 -40.61 7.50
N TYR A 307 14.32 -39.89 7.61
CA TYR A 307 14.69 -38.86 6.65
C TYR A 307 15.31 -39.52 5.42
N GLU A 308 14.73 -39.25 4.26
CA GLU A 308 15.24 -39.81 3.02
C GLU A 308 16.65 -39.31 2.76
N PRO A 309 17.50 -40.13 2.11
CA PRO A 309 17.22 -41.50 1.67
C PRO A 309 17.94 -42.56 2.50
N ARG A 310 17.75 -43.82 2.11
CA ARG A 310 18.41 -44.92 2.78
C ARG A 310 19.82 -45.09 2.23
N ASP A 311 20.75 -45.48 3.10
CA ASP A 311 22.08 -45.87 2.65
C ASP A 311 21.96 -47.13 1.81
N SER A 312 22.53 -47.10 0.60
CA SER A 312 22.48 -48.26 -0.29
C SER A 312 23.05 -49.51 0.37
N TYR A 313 23.88 -49.35 1.39
CA TYR A 313 24.54 -50.49 2.02
C TYR A 313 23.55 -51.38 2.77
N PHE A 314 23.19 -51.00 4.00
CA PHE A 314 22.24 -51.79 4.77
C PHE A 314 20.86 -51.74 4.13
N GLN A 315 20.75 -51.01 3.00
CA GLN A 315 19.57 -50.97 2.14
C GLN A 315 18.27 -51.05 2.94
N GLN A 316 18.24 -50.25 4.00
CA GLN A 316 17.06 -50.08 4.84
C GLN A 316 17.36 -48.95 5.82
N TYR A 317 16.48 -47.95 5.88
CA TYR A 317 16.69 -46.80 6.75
C TYR A 317 17.01 -47.25 8.17
N MET A 318 18.24 -47.03 8.60
CA MET A 318 18.63 -47.32 9.97
C MET A 318 18.07 -46.26 10.91
N LEU A 319 18.08 -46.57 12.20
CA LEU A 319 17.64 -45.64 13.22
C LEU A 319 17.99 -46.20 14.58
N LYS A 320 18.01 -45.31 15.58
CA LYS A 320 18.17 -45.67 16.97
C LYS A 320 16.89 -45.48 17.77
N GLY A 321 16.14 -44.42 17.48
CA GLY A 321 15.01 -44.01 18.27
C GLY A 321 15.07 -42.52 18.49
N GLU A 322 16.27 -41.96 18.30
CA GLU A 322 16.48 -40.52 18.41
C GLU A 322 17.40 -39.97 17.33
N TYR A 323 17.92 -40.80 16.43
CA TYR A 323 18.78 -40.30 15.35
C TYR A 323 18.62 -41.20 14.14
N GLN A 324 19.03 -40.67 12.99
CA GLN A 324 19.16 -41.42 11.76
C GLN A 324 20.54 -41.14 11.17
N TYR A 325 21.13 -42.16 10.54
CA TYR A 325 22.56 -42.18 10.32
C TYR A 325 22.86 -42.41 8.85
N TRP A 326 24.13 -42.25 8.48
CA TRP A 326 24.58 -42.45 7.10
C TRP A 326 26.05 -42.80 7.09
N PHE A 327 26.38 -43.97 6.54
CA PHE A 327 27.74 -44.47 6.44
C PHE A 327 28.33 -44.18 5.07
N ASP A 328 29.66 -44.36 4.99
CA ASP A 328 30.38 -44.48 3.72
C ASP A 328 31.33 -45.66 3.94
N LEU A 329 30.91 -46.84 3.49
CA LEU A 329 31.64 -48.07 3.73
C LEU A 329 32.17 -48.54 2.38
N ASP A 330 33.43 -48.24 2.08
CA ASP A 330 34.02 -48.67 0.83
C ASP A 330 34.47 -50.12 0.91
N THR B 87 -32.60 46.13 -14.36
CA THR B 87 -32.63 46.09 -15.81
C THR B 87 -32.51 47.49 -16.40
N ASN B 88 -31.49 47.71 -17.23
CA ASN B 88 -30.54 46.66 -17.58
C ASN B 88 -29.35 46.61 -16.64
N PRO B 89 -28.58 45.49 -16.68
CA PRO B 89 -27.41 45.29 -15.80
C PRO B 89 -27.57 45.65 -14.33
N SER B 90 -26.47 45.47 -13.58
CA SER B 90 -26.38 45.74 -12.15
C SER B 90 -24.96 45.49 -11.66
N THR B 91 -24.74 45.58 -10.35
CA THR B 91 -23.44 45.25 -9.77
C THR B 91 -23.62 45.08 -8.28
N GLU B 92 -23.30 43.89 -7.77
CA GLU B 92 -23.36 43.59 -6.34
C GLU B 92 -21.93 43.38 -5.88
N GLU B 93 -21.36 44.41 -5.23
CA GLU B 93 -19.98 44.37 -4.77
C GLU B 93 -19.74 43.15 -3.89
N MET B 94 -19.10 42.12 -4.45
CA MET B 94 -19.00 40.81 -3.83
C MET B 94 -17.95 40.87 -2.71
N GLY B 95 -18.42 40.89 -1.48
CA GLY B 95 -17.53 40.91 -0.33
C GLY B 95 -16.78 39.60 -0.17
N ASP B 96 -16.04 39.51 0.93
CA ASP B 96 -15.21 38.34 1.18
C ASP B 96 -16.05 37.11 1.47
N ASP B 97 -17.07 37.25 2.33
CA ASP B 97 -17.86 36.10 2.76
C ASP B 97 -18.93 35.69 1.75
N PHE B 98 -18.80 36.11 0.49
CA PHE B 98 -19.66 35.62 -0.57
C PHE B 98 -19.54 34.10 -0.69
N GLY B 99 -20.57 33.48 -1.24
CA GLY B 99 -20.54 32.04 -1.42
C GLY B 99 -21.76 31.43 -2.07
N PHE B 100 -22.93 32.06 -1.88
CA PHE B 100 -24.17 31.47 -2.35
C PHE B 100 -25.26 32.52 -2.39
N GLY B 101 -26.04 32.48 -3.47
CA GLY B 101 -27.20 33.37 -3.62
C GLY B 101 -28.22 32.75 -4.55
N LEU B 102 -28.76 33.56 -5.45
CA LEU B 102 -29.76 33.10 -6.41
C LEU B 102 -29.73 34.04 -7.61
N CYS B 103 -29.47 33.50 -8.81
CA CYS B 103 -29.68 34.27 -10.02
C CYS B 103 -31.16 34.65 -10.10
N PRO B 104 -31.50 35.75 -10.78
CA PRO B 104 -32.90 36.18 -10.81
C PRO B 104 -33.83 35.22 -11.52
N PHE B 105 -34.12 35.45 -12.80
CA PHE B 105 -35.18 34.73 -13.50
C PHE B 105 -34.58 33.55 -14.27
N ASP B 106 -34.23 32.51 -13.51
CA ASP B 106 -33.81 31.21 -14.02
C ASP B 106 -32.92 31.33 -15.26
N THR B 107 -32.10 32.37 -15.31
CA THR B 107 -31.26 32.65 -16.47
C THR B 107 -30.25 31.52 -16.68
N SER B 108 -29.59 31.56 -17.84
CA SER B 108 -28.56 30.58 -18.16
C SER B 108 -27.19 31.19 -17.89
N PRO B 109 -26.59 30.97 -16.72
CA PRO B 109 -25.31 31.62 -16.40
C PRO B 109 -24.15 30.98 -17.14
N VAL B 110 -22.98 31.62 -17.01
CA VAL B 110 -21.76 31.17 -17.69
C VAL B 110 -20.57 31.25 -16.74
N VAL B 111 -19.37 31.12 -17.28
CA VAL B 111 -18.14 31.13 -16.50
C VAL B 111 -17.00 31.68 -17.37
N LYS B 112 -16.32 32.70 -16.87
CA LYS B 112 -15.13 33.25 -17.52
C LYS B 112 -14.34 34.01 -16.46
N GLY B 113 -13.18 33.47 -16.07
CA GLY B 113 -12.40 34.11 -15.03
C GLY B 113 -10.92 33.79 -15.03
N LYS B 114 -10.49 32.98 -14.06
CA LYS B 114 -9.08 32.62 -13.88
C LYS B 114 -8.86 31.12 -13.93
N TYR B 115 -9.56 30.35 -13.09
CA TYR B 115 -9.50 28.90 -13.17
C TYR B 115 -10.91 28.33 -13.20
N ASN B 116 -11.06 27.01 -13.00
CA ASN B 116 -12.35 26.34 -13.07
C ASN B 116 -12.63 25.68 -11.72
N THR B 117 -13.66 26.18 -11.01
CA THR B 117 -14.04 25.68 -9.69
C THR B 117 -15.53 25.99 -9.48
N THR B 118 -16.37 25.38 -10.30
CA THR B 118 -17.79 25.72 -10.31
C THR B 118 -18.64 24.52 -9.90
N LEU B 119 -19.79 24.83 -9.33
CA LEU B 119 -20.86 23.86 -9.10
C LEU B 119 -22.17 24.46 -9.63
N LEU B 120 -22.14 24.93 -10.87
CA LEU B 120 -23.26 25.68 -11.42
C LEU B 120 -24.46 24.77 -11.68
N ASN B 121 -25.64 25.27 -11.32
CA ASN B 121 -26.88 24.50 -11.46
C ASN B 121 -27.49 24.69 -12.85
N GLY B 122 -27.89 25.92 -13.15
CA GLY B 122 -28.67 26.24 -14.32
C GLY B 122 -29.54 27.44 -14.03
N SER B 123 -29.83 27.63 -12.74
CA SER B 123 -30.57 28.80 -12.30
C SER B 123 -29.68 29.49 -11.27
N ALA B 124 -29.82 29.21 -9.98
CA ALA B 124 -28.92 29.73 -8.99
C ALA B 124 -27.62 28.92 -8.98
N PHE B 125 -26.73 29.22 -8.05
CA PHE B 125 -25.45 28.54 -8.08
C PHE B 125 -24.96 28.33 -6.65
N TYR B 126 -23.67 28.01 -6.54
CA TYR B 126 -23.00 27.56 -5.33
C TYR B 126 -21.59 27.18 -5.73
N LEU B 127 -20.58 27.92 -5.27
CA LEU B 127 -19.20 27.64 -5.64
C LEU B 127 -18.44 27.07 -4.45
N VAL B 128 -17.35 26.40 -4.75
CA VAL B 128 -16.59 25.64 -3.76
C VAL B 128 -15.21 26.28 -3.59
N CYS B 129 -14.90 26.65 -2.35
CA CYS B 129 -13.64 27.22 -1.88
C CYS B 129 -12.94 28.06 -2.94
N PRO B 130 -13.45 29.26 -3.26
CA PRO B 130 -12.85 30.12 -4.29
C PRO B 130 -11.72 31.00 -3.76
N ILE B 131 -10.79 30.40 -3.01
CA ILE B 131 -9.64 31.16 -2.52
C ILE B 131 -8.84 31.67 -3.69
N GLY B 132 -8.53 32.97 -3.67
CA GLY B 132 -7.75 33.58 -4.72
C GLY B 132 -8.39 33.52 -6.09
N TRP B 133 -9.71 33.33 -6.16
CA TRP B 133 -10.40 33.17 -7.43
C TRP B 133 -10.94 34.52 -7.89
N THR B 134 -10.40 35.01 -9.00
CA THR B 134 -10.90 36.20 -9.66
C THR B 134 -11.75 35.75 -10.84
N GLY B 135 -13.07 35.86 -10.69
CA GLY B 135 -13.97 35.50 -11.76
C GLY B 135 -15.33 36.12 -11.51
N VAL B 136 -16.22 35.92 -12.49
CA VAL B 136 -17.56 36.50 -12.47
C VAL B 136 -18.46 35.66 -13.37
N ILE B 137 -19.76 35.91 -13.27
CA ILE B 137 -20.75 35.25 -14.12
C ILE B 137 -21.93 36.20 -14.26
N GLU B 138 -22.55 36.19 -15.44
CA GLU B 138 -23.67 37.04 -15.75
C GLU B 138 -24.91 36.17 -15.94
N CYS B 139 -25.88 36.32 -15.05
CA CYS B 139 -27.17 35.66 -15.23
C CYS B 139 -27.73 36.11 -16.57
N THR B 140 -27.27 35.47 -17.65
CA THR B 140 -27.46 35.98 -19.00
C THR B 140 -28.88 35.89 -19.51
N ALA B 141 -29.01 35.97 -20.83
CA ALA B 141 -30.24 35.74 -21.56
C ALA B 141 -29.85 35.53 -23.01
N VAL B 142 -30.69 34.83 -23.75
CA VAL B 142 -30.41 34.58 -25.16
C VAL B 142 -31.74 34.30 -25.86
N SER B 143 -31.88 34.88 -27.05
CA SER B 143 -33.04 34.63 -27.88
C SER B 143 -32.77 33.43 -28.78
N PRO B 144 -33.60 32.39 -28.77
CA PRO B 144 -33.36 31.27 -29.68
C PRO B 144 -33.52 31.68 -31.13
N THR B 145 -34.72 32.14 -31.49
CA THR B 145 -35.04 32.54 -32.85
C THR B 145 -34.08 33.63 -33.34
N THR B 146 -34.26 34.86 -32.86
CA THR B 146 -33.35 35.94 -33.20
C THR B 146 -31.97 35.66 -32.60
N LEU B 147 -31.03 36.57 -32.84
CA LEU B 147 -29.62 36.34 -32.50
C LEU B 147 -29.10 37.51 -31.65
N ARG B 148 -29.29 37.41 -30.33
CA ARG B 148 -28.76 38.39 -29.40
C ARG B 148 -28.73 37.75 -28.01
N THR B 149 -27.87 38.30 -27.15
CA THR B 149 -27.72 37.80 -25.79
C THR B 149 -27.23 38.94 -24.89
N GLU B 150 -28.02 39.27 -23.88
CA GLU B 150 -27.75 40.42 -23.02
C GLU B 150 -27.36 39.95 -21.61
N VAL B 151 -27.58 40.81 -20.62
CA VAL B 151 -27.21 40.55 -19.23
C VAL B 151 -28.14 41.36 -18.33
N VAL B 152 -28.63 40.71 -17.27
CA VAL B 152 -29.54 41.36 -16.33
C VAL B 152 -28.93 41.52 -14.94
N LYS B 153 -27.88 40.79 -14.61
CA LYS B 153 -27.28 40.88 -13.27
C LYS B 153 -25.85 40.38 -13.36
N THR B 154 -24.90 41.25 -13.07
CA THR B 154 -23.49 40.89 -13.04
C THR B 154 -23.02 40.81 -11.58
N PHE B 155 -22.39 39.70 -11.22
CA PHE B 155 -21.74 39.55 -9.92
C PHE B 155 -20.24 39.69 -10.14
N ARG B 156 -19.73 40.88 -9.83
CA ARG B 156 -18.38 41.29 -10.23
C ARG B 156 -17.39 41.09 -9.08
N ARG B 157 -16.11 41.05 -9.43
CA ARG B 157 -15.05 40.77 -8.47
C ARG B 157 -13.73 41.30 -9.00
N GLU B 158 -12.84 41.68 -8.08
CA GLU B 158 -11.53 42.22 -8.47
C GLU B 158 -10.46 41.96 -7.43
N LYS B 159 -10.86 41.56 -6.22
CA LYS B 159 -9.93 41.37 -5.12
C LYS B 159 -9.89 39.91 -4.68
N PRO B 160 -8.78 39.46 -4.09
CA PRO B 160 -8.67 38.04 -3.72
C PRO B 160 -9.65 37.63 -2.63
N PHE B 161 -9.73 36.32 -2.44
CA PHE B 161 -10.52 35.73 -1.36
C PHE B 161 -9.61 35.08 -0.34
N PRO B 162 -9.51 35.58 0.89
CA PRO B 162 -8.73 34.88 1.91
C PRO B 162 -9.39 33.57 2.29
N HIS B 163 -8.65 32.77 3.06
CA HIS B 163 -9.15 31.46 3.49
C HIS B 163 -10.47 31.61 4.24
N ARG B 164 -11.37 30.65 4.02
CA ARG B 164 -12.70 30.72 4.60
C ARG B 164 -13.09 29.44 5.33
N MET B 165 -14.24 28.87 4.98
CA MET B 165 -14.79 27.74 5.71
C MET B 165 -13.95 26.49 5.47
N ASP B 166 -14.46 25.37 5.98
CA ASP B 166 -13.73 24.10 5.99
C ASP B 166 -13.31 23.67 4.59
N CYS B 167 -12.09 24.03 4.19
CA CYS B 167 -11.45 23.55 2.97
C CYS B 167 -10.18 22.79 3.37
N VAL B 168 -9.41 22.38 2.37
CA VAL B 168 -8.12 21.74 2.60
C VAL B 168 -7.07 22.43 1.74
N THR B 169 -5.99 22.87 2.36
CA THR B 169 -4.92 23.60 1.68
C THR B 169 -3.81 22.67 1.17
N THR B 170 -4.11 21.40 0.98
CA THR B 170 -3.06 20.44 0.64
C THR B 170 -3.70 19.24 -0.07
N THR B 171 -3.65 19.25 -1.40
CA THR B 171 -4.04 18.09 -2.18
C THR B 171 -2.87 17.11 -2.25
N VAL B 172 -2.81 16.31 -3.31
CA VAL B 172 -1.74 15.33 -3.48
C VAL B 172 -1.31 15.28 -4.94
N GLU B 173 -0.15 14.66 -5.17
CA GLU B 173 0.35 14.40 -6.51
C GLU B 173 1.24 13.18 -6.45
N ASN B 174 0.83 12.11 -7.14
CA ASN B 174 1.51 10.82 -7.08
C ASN B 174 1.68 10.39 -5.64
N GLU B 175 2.70 10.93 -4.95
CA GLU B 175 2.78 10.79 -3.50
C GLU B 175 3.50 11.97 -2.86
N ASP B 176 3.61 13.10 -3.54
CA ASP B 176 4.20 14.30 -2.97
C ASP B 176 3.11 15.28 -2.56
N LEU B 177 3.35 15.99 -1.46
CA LEU B 177 2.34 16.85 -0.86
C LEU B 177 2.61 18.31 -1.21
N PHE B 178 2.44 18.63 -2.49
CA PHE B 178 2.54 20.01 -2.93
C PHE B 178 1.42 20.83 -2.31
N TYR B 179 1.78 21.98 -1.73
CA TYR B 179 0.81 22.81 -1.04
C TYR B 179 -0.12 23.48 -2.04
N CYS B 180 -1.41 23.51 -1.72
CA CYS B 180 -2.41 24.09 -2.61
C CYS B 180 -2.12 25.57 -2.84
N LYS B 181 -1.88 25.93 -4.10
CA LYS B 181 -1.48 27.30 -4.42
C LYS B 181 -2.69 28.21 -4.59
N LEU B 182 -3.63 27.84 -5.47
CA LEU B 182 -4.75 28.71 -5.84
C LEU B 182 -6.09 27.99 -5.64
N GLY B 183 -6.48 27.80 -4.37
CA GLY B 183 -7.82 27.33 -4.11
C GLY B 183 -7.99 26.29 -3.03
N GLY B 184 -8.94 25.37 -3.23
CA GLY B 184 -9.24 24.34 -2.25
C GLY B 184 -9.35 22.95 -2.85
N ASN B 185 -10.14 22.08 -2.21
CA ASN B 185 -10.27 20.70 -2.66
C ASN B 185 -10.66 20.62 -4.12
N TRP B 186 -10.28 19.53 -4.78
CA TRP B 186 -10.53 19.28 -6.20
C TRP B 186 -10.25 20.45 -7.14
N THR B 187 -10.02 21.64 -6.58
CA THR B 187 -9.63 22.82 -7.35
C THR B 187 -8.14 23.09 -7.27
N CYS B 188 -7.51 22.64 -6.18
CA CYS B 188 -6.10 22.82 -5.84
C CYS B 188 -5.19 22.96 -7.05
N VAL B 189 -4.73 24.19 -7.31
CA VAL B 189 -3.68 24.44 -8.28
C VAL B 189 -2.35 24.28 -7.56
N LYS B 190 -1.37 23.66 -8.24
CA LYS B 190 -0.15 23.26 -7.59
C LYS B 190 0.80 24.44 -7.39
N GLY B 191 1.76 24.26 -6.48
CA GLY B 191 2.75 25.27 -6.19
C GLY B 191 4.04 24.69 -5.65
N GLU B 192 4.32 24.94 -4.37
CA GLU B 192 5.53 24.47 -3.72
C GLU B 192 5.26 23.25 -2.87
N PRO B 193 6.28 22.47 -2.55
CA PRO B 193 6.12 21.38 -1.59
C PRO B 193 6.10 21.90 -0.16
N VAL B 194 5.63 21.04 0.74
CA VAL B 194 5.45 21.41 2.14
C VAL B 194 6.71 21.09 2.92
N VAL B 195 7.35 22.12 3.45
CA VAL B 195 8.55 21.96 4.27
C VAL B 195 8.16 21.41 5.63
N TYR B 196 9.15 21.08 6.46
CA TYR B 196 8.93 20.39 7.72
C TYR B 196 8.97 21.39 8.86
N THR B 197 8.02 21.26 9.78
CA THR B 197 7.92 22.13 10.96
C THR B 197 8.11 21.37 12.26
N GLY B 198 7.42 20.26 12.45
CA GLY B 198 7.56 19.50 13.68
C GLY B 198 6.50 18.43 13.80
N GLY B 199 6.49 17.79 14.96
CA GLY B 199 5.53 16.74 15.26
C GLY B 199 6.16 15.46 15.76
N GLN B 200 5.84 14.34 15.09
CA GLN B 200 6.44 13.05 15.40
C GLN B 200 6.19 12.14 14.20
N VAL B 201 7.27 11.62 13.61
CA VAL B 201 7.19 10.99 12.30
C VAL B 201 6.78 9.52 12.40
N LYS B 202 6.42 8.94 11.25
CA LYS B 202 6.01 7.54 11.20
C LYS B 202 6.44 6.84 9.91
N GLN B 203 7.15 7.51 9.01
CA GLN B 203 7.67 6.91 7.79
C GLN B 203 8.63 7.91 7.15
N CYS B 204 9.65 7.37 6.46
CA CYS B 204 10.67 8.20 5.83
C CYS B 204 11.20 7.48 4.60
N LYS B 205 11.43 8.22 3.52
CA LYS B 205 11.88 7.66 2.26
C LYS B 205 13.05 8.47 1.71
N TRP B 206 13.97 7.80 1.02
CA TRP B 206 15.20 8.46 0.60
C TRP B 206 15.85 7.69 -0.53
N CYS B 207 16.29 8.42 -1.57
CA CYS B 207 17.06 7.92 -2.71
C CYS B 207 16.51 6.63 -3.32
N GLY B 208 15.36 6.16 -2.85
CA GLY B 208 14.76 4.95 -3.39
C GLY B 208 14.52 3.88 -2.35
N PHE B 209 14.51 4.25 -1.08
CA PHE B 209 14.30 3.31 0.00
C PHE B 209 13.52 3.99 1.12
N ASP B 210 12.93 3.17 1.99
CA ASP B 210 12.13 3.68 3.10
C ASP B 210 12.37 2.84 4.34
N PHE B 211 12.44 3.53 5.50
CA PHE B 211 12.67 2.89 6.80
C PHE B 211 11.67 3.39 7.83
N ASN B 212 11.92 3.16 9.12
CA ASN B 212 10.93 3.51 10.12
C ASN B 212 11.51 4.00 11.45
N GLU B 213 12.77 3.69 11.73
CA GLU B 213 13.33 4.16 13.00
C GLU B 213 14.75 4.68 12.85
N PRO B 214 15.29 5.33 13.89
CA PRO B 214 16.58 6.03 13.74
C PRO B 214 17.73 5.14 13.31
N ASP B 215 17.69 3.86 13.64
CA ASP B 215 18.84 2.96 13.51
C ASP B 215 19.53 3.10 12.17
N GLY B 216 20.86 3.20 12.20
CA GLY B 216 21.67 3.17 11.01
C GLY B 216 21.69 4.44 10.18
N LEU B 217 20.78 5.36 10.42
CA LEU B 217 20.90 6.55 9.59
C LEU B 217 21.70 7.63 10.30
N PRO B 218 22.57 8.35 9.58
CA PRO B 218 23.45 9.32 10.24
C PRO B 218 22.70 10.40 10.99
N HIS B 219 21.48 10.72 10.58
CA HIS B 219 20.67 11.71 11.30
C HIS B 219 19.22 11.55 10.84
N TYR B 220 18.31 11.52 11.81
CA TYR B 220 16.89 11.34 11.56
C TYR B 220 16.16 12.62 11.95
N PRO B 221 15.33 13.21 11.09
CA PRO B 221 14.86 12.81 9.75
C PRO B 221 15.89 13.02 8.65
N ILE B 222 15.48 12.76 7.40
CA ILE B 222 16.34 12.89 6.22
C ILE B 222 15.50 12.66 4.98
N GLY B 223 16.07 12.95 3.79
CA GLY B 223 15.44 12.67 2.52
C GLY B 223 14.06 13.27 2.36
N LYS B 224 13.04 12.49 2.69
CA LYS B 224 11.69 13.02 2.87
C LYS B 224 10.92 12.05 3.75
N CYS B 225 9.94 12.58 4.47
CA CYS B 225 9.22 11.82 5.47
C CYS B 225 7.74 12.21 5.45
N ILE B 226 6.96 11.58 6.32
CA ILE B 226 5.56 11.92 6.51
C ILE B 226 5.17 11.60 7.94
N LEU B 227 3.90 11.83 8.28
CA LEU B 227 3.40 11.53 9.62
C LEU B 227 2.45 10.33 9.55
N ALA B 228 2.03 9.87 10.73
CA ALA B 228 1.13 8.73 10.79
C ALA B 228 -0.25 9.09 10.25
N ASN B 229 -0.69 10.32 10.49
CA ASN B 229 -2.05 10.72 10.13
C ASN B 229 -2.25 10.69 8.61
N GLU B 230 -1.32 11.29 7.86
CA GLU B 230 -1.56 11.57 6.45
C GLU B 230 -1.20 10.39 5.56
N THR B 231 -1.07 10.66 4.26
CA THR B 231 -0.75 9.61 3.29
C THR B 231 0.26 10.07 2.25
N GLY B 232 0.82 11.27 2.39
CA GLY B 232 1.82 11.75 1.47
C GLY B 232 3.02 12.31 2.21
N TYR B 233 4.14 12.40 1.50
CA TYR B 233 5.41 12.73 2.10
C TYR B 233 5.62 14.24 2.19
N ARG B 234 6.45 14.65 3.15
CA ARG B 234 6.90 16.02 3.30
C ARG B 234 8.40 16.09 3.12
N ILE B 235 8.86 16.95 2.22
CA ILE B 235 10.29 17.14 2.05
C ILE B 235 10.86 17.91 3.24
N VAL B 236 12.17 17.78 3.43
CA VAL B 236 12.84 18.44 4.55
C VAL B 236 14.32 18.65 4.23
N ASP B 237 15.02 17.55 3.91
CA ASP B 237 16.44 17.59 3.63
C ASP B 237 16.66 17.19 2.17
N SER B 238 17.91 17.33 1.72
CA SER B 238 18.26 16.92 0.38
C SER B 238 19.70 16.40 0.37
N THR B 239 19.98 15.43 1.23
CA THR B 239 21.32 14.86 1.32
C THR B 239 21.68 14.15 0.03
N ASP B 240 22.96 14.22 -0.32
CA ASP B 240 23.43 13.60 -1.55
C ASP B 240 23.52 12.09 -1.37
N CYS B 241 22.90 11.35 -2.29
CA CYS B 241 23.05 9.89 -2.30
C CYS B 241 24.54 9.55 -2.44
N ASN B 242 25.30 9.77 -1.37
CA ASN B 242 26.75 9.61 -1.38
C ASN B 242 27.25 9.70 0.05
N ARG B 243 28.24 8.86 0.38
CA ARG B 243 28.91 8.90 1.67
C ARG B 243 30.41 8.70 1.46
N ASP B 244 31.01 9.60 0.68
CA ASP B 244 32.38 9.48 0.22
C ASP B 244 32.58 8.23 -0.62
N GLY B 245 32.19 8.31 -1.91
CA GLY B 245 32.45 7.25 -2.87
C GLY B 245 31.36 6.20 -2.99
N VAL B 246 30.42 6.15 -2.06
CA VAL B 246 29.39 5.13 -2.03
C VAL B 246 28.03 5.81 -2.20
N VAL B 247 27.28 5.41 -3.22
CA VAL B 247 26.06 6.07 -3.64
C VAL B 247 24.90 5.09 -3.56
N ILE B 248 23.76 5.55 -3.05
CA ILE B 248 22.58 4.71 -2.86
C ILE B 248 21.65 4.95 -4.04
N SER B 249 21.86 4.17 -5.10
CA SER B 249 20.95 4.17 -6.25
C SER B 249 19.83 3.17 -6.00
N ALA B 250 19.25 2.64 -7.08
CA ALA B 250 18.25 1.58 -6.98
C ALA B 250 18.44 0.54 -8.06
N LYS B 251 19.68 0.31 -8.49
CA LYS B 251 19.97 -0.69 -9.51
C LYS B 251 21.46 -1.00 -9.45
N GLY B 252 21.81 -2.14 -8.85
CA GLY B 252 23.19 -2.55 -8.74
C GLY B 252 23.93 -1.86 -7.61
N SER B 253 24.68 -2.62 -6.82
CA SER B 253 24.83 -4.06 -7.04
C SER B 253 24.63 -4.85 -5.74
N HIS B 254 25.54 -4.66 -4.79
CA HIS B 254 25.53 -5.43 -3.56
C HIS B 254 24.56 -4.82 -2.56
N GLU B 255 23.69 -5.66 -2.00
CA GLU B 255 22.70 -5.19 -1.04
C GLU B 255 23.34 -5.00 0.33
N CYS B 256 22.71 -4.15 1.14
CA CYS B 256 23.03 -4.06 2.55
C CYS B 256 21.88 -3.39 3.27
N LEU B 257 21.86 -3.55 4.59
CA LEU B 257 20.71 -3.21 5.43
C LEU B 257 21.03 -1.99 6.28
N ILE B 258 20.33 -0.89 6.03
CA ILE B 258 20.33 0.26 6.93
C ILE B 258 19.08 0.18 7.78
N GLY B 259 19.25 0.39 9.08
CA GLY B 259 18.13 0.27 9.99
C GLY B 259 17.60 -1.16 10.05
N ASN B 260 16.71 -1.49 9.11
CA ASN B 260 16.19 -2.86 9.06
C ASN B 260 15.76 -3.29 7.65
N THR B 261 16.11 -2.55 6.60
CA THR B 261 15.56 -2.77 5.27
C THR B 261 16.68 -2.98 4.26
N THR B 262 16.49 -3.97 3.39
CA THR B 262 17.42 -4.19 2.28
C THR B 262 17.47 -2.97 1.37
N VAL B 263 18.67 -2.48 1.10
CA VAL B 263 18.87 -1.26 0.32
C VAL B 263 20.05 -1.47 -0.62
N LYS B 264 19.84 -1.22 -1.91
CA LYS B 264 20.91 -1.38 -2.90
C LYS B 264 21.94 -0.28 -2.74
N VAL B 265 23.05 -0.43 -3.45
CA VAL B 265 24.15 0.52 -3.35
C VAL B 265 25.03 0.37 -4.58
N HIS B 266 25.60 1.50 -5.02
CA HIS B 266 26.43 1.55 -6.23
C HIS B 266 27.70 2.34 -5.94
N ALA B 267 28.84 1.76 -6.29
CA ALA B 267 30.13 2.32 -5.90
C ALA B 267 30.50 3.49 -6.82
N SER B 268 31.71 4.03 -6.60
CA SER B 268 32.24 5.12 -7.43
C SER B 268 33.76 5.03 -7.55
N ASP B 269 34.48 5.46 -6.51
CA ASP B 269 35.95 5.49 -6.54
C ASP B 269 36.55 4.12 -6.23
N GLU B 270 37.72 4.12 -5.58
CA GLU B 270 38.37 2.86 -5.24
C GLU B 270 39.32 3.02 -4.06
N ARG B 271 39.19 4.08 -3.30
CA ARG B 271 40.07 4.31 -2.15
C ARG B 271 39.40 3.78 -0.88
N LEU B 272 39.98 4.10 0.26
CA LEU B 272 39.39 3.73 1.55
C LEU B 272 38.07 4.48 1.75
N GLY B 273 37.04 3.75 2.16
CA GLY B 273 35.74 4.34 2.35
C GLY B 273 34.82 3.50 3.21
N PRO B 274 34.27 4.10 4.27
CA PRO B 274 33.39 3.37 5.18
C PRO B 274 31.96 3.30 4.64
N MET B 275 31.54 2.10 4.27
CA MET B 275 30.14 1.89 3.91
C MET B 275 29.26 2.24 5.11
N PRO B 276 28.21 3.05 4.92
CA PRO B 276 27.30 3.37 6.03
C PRO B 276 26.28 2.28 6.29
N CYS B 277 26.30 1.19 5.54
CA CYS B 277 25.28 0.15 5.62
C CYS B 277 25.88 -1.12 6.21
N ARG B 278 25.32 -1.55 7.33
CA ARG B 278 25.69 -2.82 7.94
C ARG B 278 25.51 -3.96 6.94
N PRO B 279 26.34 -5.00 7.00
CA PRO B 279 26.42 -5.95 5.90
C PRO B 279 25.24 -6.90 5.84
N LYS B 280 25.11 -7.55 4.67
CA LYS B 280 24.00 -8.43 4.39
C LYS B 280 24.06 -9.70 5.21
N GLU B 281 24.78 -10.71 4.69
CA GLU B 281 24.80 -12.03 5.30
C GLU B 281 26.20 -12.34 5.82
N ILE B 282 26.25 -12.82 7.06
CA ILE B 282 27.51 -13.25 7.69
C ILE B 282 27.65 -14.73 7.40
N VAL B 283 28.45 -15.07 6.40
CA VAL B 283 28.76 -16.45 6.04
C VAL B 283 30.11 -16.81 6.65
N SER B 284 30.15 -17.94 7.36
CA SER B 284 31.39 -18.36 8.01
C SER B 284 31.90 -19.67 7.40
N SER B 285 32.79 -20.34 8.11
CA SER B 285 33.30 -21.63 7.67
C SER B 285 33.95 -22.38 8.82
N THR B 292 39.70 -24.76 19.61
CA THR B 292 39.75 -23.65 18.66
C THR B 292 41.18 -23.16 18.47
N SER B 293 41.40 -22.43 17.38
CA SER B 293 42.72 -21.90 17.08
C SER B 293 42.62 -20.72 16.10
N CYS B 294 42.39 -21.02 14.83
CA CYS B 294 42.30 -20.01 13.77
C CYS B 294 40.90 -20.08 13.16
N THR B 295 39.99 -19.25 13.69
CA THR B 295 38.62 -19.19 13.23
C THR B 295 38.38 -17.85 12.53
N PHE B 296 37.64 -17.88 11.43
CA PHE B 296 37.36 -16.66 10.69
C PHE B 296 35.90 -16.63 10.25
N ASN B 297 35.33 -15.42 10.29
CA ASN B 297 34.02 -15.15 9.74
C ASN B 297 34.17 -13.99 8.76
N TYR B 298 33.30 -13.94 7.77
CA TYR B 298 33.49 -12.94 6.72
C TYR B 298 32.16 -12.60 6.05
N ALA B 299 32.18 -11.48 5.33
CA ALA B 299 30.99 -11.01 4.62
C ALA B 299 31.33 -10.74 3.15
N LYS B 300 30.75 -9.70 2.57
CA LYS B 300 30.99 -9.38 1.17
C LYS B 300 30.90 -7.87 1.00
N THR B 301 31.85 -7.29 0.29
CA THR B 301 31.91 -5.85 0.12
C THR B 301 32.51 -5.51 -1.25
N LEU B 302 32.89 -4.25 -1.41
CA LEU B 302 33.25 -3.69 -2.72
C LEU B 302 34.65 -3.08 -2.65
N LYS B 303 35.61 -3.72 -3.33
CA LYS B 303 36.92 -3.12 -3.59
C LYS B 303 37.67 -2.73 -2.32
N ASN B 304 37.79 -1.43 -2.07
CA ASN B 304 38.57 -0.96 -0.93
C ASN B 304 37.71 -0.26 0.09
N LYS B 305 36.59 -0.87 0.47
CA LYS B 305 35.62 -0.26 1.37
C LYS B 305 35.44 -1.14 2.61
N TYR B 306 35.40 -0.48 3.77
CA TYR B 306 35.26 -1.16 5.05
C TYR B 306 33.89 -0.87 5.67
N TYR B 307 33.36 -1.86 6.39
CA TYR B 307 32.09 -1.74 7.09
C TYR B 307 32.31 -1.99 8.58
N GLU B 308 31.68 -1.15 9.41
CA GLU B 308 31.85 -1.26 10.84
C GLU B 308 31.29 -2.60 11.33
N PRO B 309 31.84 -3.14 12.43
CA PRO B 309 32.92 -2.61 13.26
C PRO B 309 34.26 -3.31 13.04
N ARG B 310 35.30 -2.80 13.68
CA ARG B 310 36.63 -3.39 13.56
C ARG B 310 36.71 -4.71 14.30
N ASP B 311 37.68 -5.53 13.90
CA ASP B 311 37.94 -6.77 14.61
C ASP B 311 38.51 -6.49 16.00
N SER B 312 38.43 -7.51 16.86
CA SER B 312 38.89 -7.34 18.23
C SER B 312 40.39 -7.55 18.35
N TYR B 313 40.90 -8.64 17.79
CA TYR B 313 42.30 -9.00 17.98
C TYR B 313 43.24 -8.20 17.09
N PHE B 314 42.72 -7.29 16.25
CA PHE B 314 43.56 -6.53 15.34
C PHE B 314 43.31 -5.02 15.40
N GLN B 315 42.06 -4.59 15.57
CA GLN B 315 41.72 -3.16 15.59
C GLN B 315 42.16 -2.46 14.30
N GLN B 316 41.96 -3.13 13.18
CA GLN B 316 42.16 -2.54 11.86
C GLN B 316 41.26 -3.29 10.90
N TYR B 317 40.29 -2.59 10.31
CA TYR B 317 39.33 -3.22 9.41
C TYR B 317 40.04 -4.13 8.44
N MET B 318 40.11 -5.43 8.76
CA MET B 318 40.82 -6.36 7.90
C MET B 318 40.21 -6.36 6.50
N LEU B 319 40.47 -5.30 5.74
CA LEU B 319 40.11 -5.22 4.34
C LEU B 319 40.83 -6.30 3.56
N LYS B 320 40.62 -6.35 2.25
CA LYS B 320 41.28 -7.38 1.45
C LYS B 320 41.30 -6.99 -0.01
N GLY B 321 40.13 -6.65 -0.54
CA GLY B 321 40.02 -6.31 -1.94
C GLY B 321 38.61 -6.56 -2.46
N GLU B 322 37.90 -7.47 -1.80
CA GLU B 322 36.51 -7.75 -2.16
C GLU B 322 35.72 -8.28 -0.98
N TYR B 323 36.41 -8.68 0.09
CA TYR B 323 35.74 -9.23 1.26
C TYR B 323 36.34 -8.64 2.51
N GLN B 324 35.49 -8.09 3.38
CA GLN B 324 35.93 -7.66 4.71
C GLN B 324 35.67 -8.80 5.69
N TYR B 325 36.74 -9.32 6.27
CA TYR B 325 36.65 -10.52 7.09
C TYR B 325 36.37 -10.16 8.54
N TRP B 326 36.31 -11.18 9.39
CA TRP B 326 36.14 -11.00 10.83
C TRP B 326 36.78 -12.20 11.52
N PHE B 327 37.92 -11.96 12.15
CA PHE B 327 38.72 -13.03 12.74
C PHE B 327 38.37 -13.23 14.21
N ASP B 328 38.77 -14.38 14.73
CA ASP B 328 38.57 -14.72 16.13
C ASP B 328 39.44 -15.94 16.44
N LEU B 329 40.21 -15.86 17.52
CA LEU B 329 41.13 -16.92 17.89
C LEU B 329 40.79 -17.41 19.30
N ASP B 330 41.66 -18.28 19.83
CA ASP B 330 41.45 -18.88 21.15
C ASP B 330 42.43 -18.33 22.17
#